data_2WIW
#
_entry.id   2WIW
#
_cell.length_a   35.380
_cell.length_b   82.860
_cell.length_c   107.560
_cell.angle_alpha   90.00
_cell.angle_beta   90.00
_cell.angle_gamma   90.00
#
_symmetry.space_group_name_H-M   'P 21 21 21'
#
loop_
_entity.id
_entity.type
_entity.pdbx_description
1 polymer HJC
2 polymer "5'-D(*DC*DG*DG*DA*DT*DA*DT*DC*DC*DGP)-3'"
3 non-polymer HEXANE-1,6-DIOL
4 non-polymer GLYCEROL
5 water water
#
loop_
_entity_poly.entity_id
_entity_poly.type
_entity_poly.pdbx_seq_one_letter_code
_entity_poly.pdbx_strand_id
1 'polypeptide(L)'
;GTMGKSKGTRFERDLLVELWKAGFAAIRVAGSGVSPFPCPDIVAGNGRTYLAIEVKMRKELPLYLSADEVEQLVTFARGF
GAEAYVALKLPRKKWRFFPVQMLERTEKNFKIDESVYPLGLEIAEVAGKFFQERFGEKV
;
A,B
2 'polydeoxyribonucleotide' (DC)(DG)(DG)(DA)(DT)(DA)(DT)(DC)(DC)(DG) C,D
#
# COMPACT_ATOMS: atom_id res chain seq x y z
N GLY A 8 21.56 2.09 6.84
CA GLY A 8 20.88 3.16 6.12
C GLY A 8 19.87 2.58 5.17
N THR A 9 20.30 2.35 3.93
CA THR A 9 19.52 1.53 3.01
C THR A 9 19.46 0.12 3.59
N ARG A 10 20.53 -0.24 4.30
CA ARG A 10 20.65 -1.55 4.92
C ARG A 10 19.50 -1.83 5.91
N PHE A 11 19.26 -0.91 6.84
CA PHE A 11 18.25 -1.12 7.88
C PHE A 11 16.80 -1.13 7.33
N GLU A 12 16.54 -0.41 6.25
CA GLU A 12 15.22 -0.47 5.65
C GLU A 12 15.00 -1.85 5.03
N ARG A 13 16.01 -2.36 4.34
CA ARG A 13 15.92 -3.74 3.84
C ARG A 13 15.64 -4.65 5.03
N ASP A 14 16.36 -4.46 6.14
CA ASP A 14 16.15 -5.30 7.32
C ASP A 14 14.72 -5.22 7.85
N LEU A 15 14.14 -4.01 7.84
CA LEU A 15 12.79 -3.85 8.32
C LEU A 15 11.80 -4.63 7.42
N LEU A 16 11.93 -4.50 6.11
CA LEU A 16 11.00 -5.22 5.22
C LEU A 16 11.15 -6.73 5.38
N VAL A 17 12.40 -7.20 5.55
CA VAL A 17 12.64 -8.65 5.68
C VAL A 17 12.04 -9.14 6.99
N GLU A 18 12.18 -8.37 8.08
CA GLU A 18 11.49 -8.71 9.32
C GLU A 18 9.95 -8.77 9.18
N LEU A 19 9.37 -7.82 8.47
CA LEU A 19 7.94 -7.84 8.28
C LEU A 19 7.55 -9.09 7.48
N TRP A 20 8.31 -9.38 6.43
CA TRP A 20 8.01 -10.55 5.58
C TRP A 20 8.12 -11.85 6.40
N LYS A 21 9.14 -11.96 7.25
CA LYS A 21 9.29 -13.16 8.08
C LYS A 21 8.18 -13.28 9.11
N ALA A 22 7.57 -12.15 9.49
CA ALA A 22 6.47 -12.17 10.43
C ALA A 22 5.13 -12.45 9.73
N GLY A 23 5.16 -12.67 8.42
CA GLY A 23 3.94 -13.05 7.70
C GLY A 23 3.20 -11.91 7.01
N PHE A 24 3.82 -10.75 6.92
CA PHE A 24 3.19 -9.61 6.25
C PHE A 24 3.68 -9.51 4.80
N ALA A 25 2.77 -9.23 3.86
CA ALA A 25 3.20 -8.64 2.61
C ALA A 25 3.37 -7.15 2.83
N ALA A 26 4.55 -6.64 2.53
CA ALA A 26 4.84 -5.24 2.83
C ALA A 26 5.43 -4.56 1.61
N ILE A 27 4.95 -3.36 1.32
CA ILE A 27 5.48 -2.55 0.24
C ILE A 27 5.99 -1.20 0.73
N ARG A 28 6.99 -0.70 0.02
CA ARG A 28 7.46 0.68 0.18
C ARG A 28 6.63 1.62 -0.68
N VAL A 29 6.31 2.78 -0.12
CA VAL A 29 5.46 3.75 -0.78
C VAL A 29 6.24 4.75 -1.60
N ALA A 30 5.85 4.95 -2.86
CA ALA A 30 6.44 5.99 -3.68
C ALA A 30 5.67 7.31 -3.56
N GLY A 31 4.35 7.23 -3.46
CA GLY A 31 3.52 8.42 -3.39
C GLY A 31 2.04 8.13 -3.63
N SER A 32 1.19 9.15 -3.54
CA SER A 32 -0.26 8.99 -3.68
C SER A 32 -0.85 9.79 -4.85
N GLY A 33 -0.01 10.51 -5.58
CA GLY A 33 -0.44 11.25 -6.76
C GLY A 33 -1.17 12.54 -6.48
N VAL A 34 -1.62 12.75 -5.25
CA VAL A 34 -2.40 13.93 -4.90
C VAL A 34 -1.68 14.83 -3.89
N SER A 35 -0.84 14.24 -3.05
CA SER A 35 -0.12 15.00 -2.05
C SER A 35 1.31 15.26 -2.51
N PRO A 36 1.93 16.35 -2.01
CA PRO A 36 3.33 16.66 -2.35
C PRO A 36 4.30 15.72 -1.66
N PHE A 37 3.85 15.08 -0.57
CA PHE A 37 4.71 14.22 0.24
C PHE A 37 4.22 12.78 0.22
N PRO A 38 5.14 11.82 0.05
CA PRO A 38 4.85 10.38 0.17
C PRO A 38 4.56 9.96 1.61
N CYS A 39 3.43 9.31 1.82
CA CYS A 39 2.98 8.94 3.16
C CYS A 39 2.10 7.72 3.02
N PRO A 40 2.31 6.72 3.88
CA PRO A 40 3.40 6.60 4.85
C PRO A 40 4.67 6.09 4.15
N ASP A 41 5.57 5.45 4.87
CA ASP A 41 6.76 4.86 4.24
C ASP A 41 6.52 3.42 3.81
N ILE A 42 5.83 2.66 4.64
CA ILE A 42 5.53 1.27 4.32
C ILE A 42 4.07 0.98 4.59
N VAL A 43 3.46 0.18 3.71
CA VAL A 43 2.13 -0.34 4.01
C VAL A 43 2.20 -1.86 4.02
N ALA A 44 1.59 -2.49 5.01
CA ALA A 44 1.73 -3.94 5.13
C ALA A 44 0.43 -4.59 5.50
N GLY A 45 0.25 -5.85 5.12
CA GLY A 45 -0.97 -6.55 5.46
C GLY A 45 -0.72 -8.04 5.56
N ASN A 46 -1.46 -8.71 6.43
CA ASN A 46 -1.35 -10.18 6.50
C ASN A 46 -2.68 -10.91 6.33
N GLY A 47 -3.70 -10.18 5.92
CA GLY A 47 -5.04 -10.75 5.78
C GLY A 47 -5.97 -10.43 6.92
N ARG A 48 -5.39 -9.99 8.03
CA ARG A 48 -6.16 -9.75 9.24
C ARG A 48 -5.81 -8.37 9.81
N THR A 49 -4.52 -8.08 9.82
CA THR A 49 -3.99 -6.82 10.36
C THR A 49 -3.41 -6.01 9.20
N TYR A 50 -3.72 -4.71 9.12
CA TYR A 50 -3.11 -3.84 8.11
C TYR A 50 -2.37 -2.72 8.81
N LEU A 51 -1.17 -2.42 8.33
CA LEU A 51 -0.27 -1.44 8.96
C LEU A 51 0.11 -0.30 8.05
N ALA A 52 0.02 0.92 8.56
CA ALA A 52 0.53 2.08 7.86
C ALA A 52 1.70 2.58 8.72
N ILE A 53 2.92 2.53 8.18
CA ILE A 53 4.13 2.71 9.00
C ILE A 53 4.95 3.89 8.55
N GLU A 54 5.23 4.79 9.50
CA GLU A 54 6.20 5.85 9.30
C GLU A 54 7.53 5.34 9.89
N VAL A 55 8.60 5.37 9.09
CA VAL A 55 9.86 4.72 9.44
C VAL A 55 10.91 5.78 9.80
N LYS A 56 11.57 5.64 10.95
CA LYS A 56 12.52 6.66 11.43
C LYS A 56 13.77 6.00 12.01
N MET A 57 14.93 6.58 11.73
CA MET A 57 16.15 6.15 12.38
C MET A 57 16.72 7.35 13.13
N ARG A 58 17.23 7.10 14.34
CA ARG A 58 17.77 8.16 15.14
C ARG A 58 19.02 7.64 15.89
N LYS A 59 20.04 8.50 16.02
CA LYS A 59 21.25 8.15 16.76
C LYS A 59 20.92 8.02 18.24
N GLU A 60 19.91 8.76 18.69
CA GLU A 60 19.43 8.63 20.06
C GLU A 60 18.07 9.30 20.28
N LEU A 61 17.44 8.98 21.40
CA LEU A 61 16.17 9.59 21.79
C LEU A 61 16.38 11.03 22.23
N PRO A 62 15.33 11.86 22.15
CA PRO A 62 13.99 11.44 21.73
C PRO A 62 13.81 11.53 20.23
N LEU A 63 12.85 10.78 19.69
CA LEU A 63 12.34 11.01 18.35
C LEU A 63 11.25 12.08 18.46
N TYR A 64 11.38 13.18 17.72
CA TYR A 64 10.29 14.15 17.59
C TYR A 64 9.58 13.98 16.25
N LEU A 65 8.26 14.03 16.26
CA LEU A 65 7.45 14.01 15.04
C LEU A 65 6.58 15.26 14.98
N SER A 66 6.47 15.88 13.81
CA SER A 66 5.61 17.06 13.69
C SER A 66 4.13 16.70 13.79
N ALA A 67 3.33 17.66 14.22
CA ALA A 67 1.88 17.47 14.22
C ALA A 67 1.41 17.16 12.81
N ASP A 68 2.00 17.82 11.81
CA ASP A 68 1.56 17.64 10.43
C ASP A 68 1.82 16.21 10.00
N GLU A 69 3.00 15.69 10.32
CA GLU A 69 3.31 14.34 9.87
C GLU A 69 2.48 13.27 10.60
N VAL A 70 2.17 13.47 11.88
CA VAL A 70 1.27 12.56 12.58
C VAL A 70 -0.17 12.67 12.03
N GLU A 71 -0.60 13.88 11.70
CA GLU A 71 -1.96 14.07 11.18
C GLU A 71 -2.09 13.34 9.83
N GLN A 72 -1.10 13.50 8.97
CA GLN A 72 -1.10 12.85 7.66
C GLN A 72 -1.15 11.33 7.80
N LEU A 73 -0.38 10.78 8.74
CA LEU A 73 -0.33 9.33 8.95
C LEU A 73 -1.66 8.80 9.48
N VAL A 74 -2.23 9.50 10.43
CA VAL A 74 -3.51 9.08 10.99
C VAL A 74 -4.61 9.19 9.91
N THR A 75 -4.55 10.23 9.10
CA THR A 75 -5.58 10.43 8.09
C THR A 75 -5.48 9.34 7.05
N PHE A 76 -4.26 8.99 6.66
CA PHE A 76 -4.08 7.90 5.70
C PHE A 76 -4.62 6.60 6.29
N ALA A 77 -4.19 6.28 7.50
CA ALA A 77 -4.57 5.05 8.15
C ALA A 77 -6.11 4.94 8.21
N ARG A 78 -6.79 6.01 8.60
CA ARG A 78 -8.25 5.97 8.68
C ARG A 78 -8.88 5.77 7.28
N GLY A 79 -8.34 6.44 6.27
CA GLY A 79 -8.93 6.38 4.92
C GLY A 79 -8.64 5.04 4.27
N PHE A 80 -7.52 4.43 4.65
CA PHE A 80 -7.09 3.16 4.04
C PHE A 80 -7.73 1.95 4.72
N GLY A 81 -7.93 2.04 6.04
CA GLY A 81 -8.33 0.90 6.86
C GLY A 81 -7.11 0.17 7.46
N ALA A 82 -6.20 0.96 8.02
CA ALA A 82 -4.98 0.40 8.60
C ALA A 82 -4.74 1.00 9.98
N GLU A 83 -3.82 0.37 10.72
CA GLU A 83 -3.37 0.85 12.01
C GLU A 83 -2.14 1.69 11.83
N ALA A 84 -2.12 2.90 12.39
CA ALA A 84 -1.01 3.82 12.20
C ALA A 84 0.09 3.48 13.20
N TYR A 85 1.30 3.34 12.69
CA TYR A 85 2.47 2.97 13.50
C TYR A 85 3.68 3.81 13.15
N VAL A 86 4.54 4.01 14.14
CA VAL A 86 5.86 4.55 13.91
C VAL A 86 6.87 3.43 14.16
N ALA A 87 7.74 3.14 13.19
CA ALA A 87 8.84 2.17 13.39
C ALA A 87 10.11 2.96 13.67
N LEU A 88 10.78 2.68 14.79
CA LEU A 88 11.95 3.45 15.16
C LEU A 88 13.15 2.52 15.39
N LYS A 89 14.25 2.86 14.73
CA LYS A 89 15.53 2.15 14.85
C LYS A 89 16.55 3.03 15.62
N LEU A 90 17.05 2.51 16.73
CA LEU A 90 18.15 3.13 17.45
C LEU A 90 19.41 2.28 17.25
N PRO A 91 20.59 2.88 17.47
CA PRO A 91 21.82 2.08 17.26
C PRO A 91 21.85 0.87 18.20
N ARG A 92 22.26 -0.27 17.66
CA ARG A 92 22.43 -1.47 18.46
C ARG A 92 21.11 -2.02 18.97
N LYS A 93 19.99 -1.52 18.45
CA LYS A 93 18.68 -2.00 18.90
C LYS A 93 17.93 -2.61 17.70
N LYS A 94 17.08 -3.60 17.97
CA LYS A 94 16.14 -4.07 16.95
C LYS A 94 15.14 -2.96 16.61
N TRP A 95 14.57 -3.02 15.41
CA TRP A 95 13.43 -2.16 15.06
C TRP A 95 12.33 -2.29 16.10
N ARG A 96 11.70 -1.17 16.45
CA ARG A 96 10.66 -1.23 17.46
C ARG A 96 9.44 -0.42 16.98
N PHE A 97 8.24 -0.94 17.25
CA PHE A 97 6.99 -0.42 16.69
C PHE A 97 6.11 0.25 17.75
N PHE A 98 5.62 1.44 17.40
CA PHE A 98 4.79 2.23 18.33
C PHE A 98 3.45 2.57 17.67
N PRO A 99 2.36 2.03 18.17
CA PRO A 99 1.06 2.56 17.71
C PRO A 99 1.03 4.07 17.93
N VAL A 100 0.41 4.81 17.02
CA VAL A 100 0.36 6.26 17.15
CA VAL A 100 0.37 6.27 17.17
C VAL A 100 -0.21 6.67 18.52
N GLN A 101 -1.08 5.84 19.07
CA GLN A 101 -1.67 6.15 20.39
C GLN A 101 -0.65 6.22 21.54
N MET A 102 0.54 5.64 21.34
CA MET A 102 1.62 5.69 22.34
C MET A 102 2.44 6.98 22.31
N LEU A 103 2.33 7.78 21.26
CA LEU A 103 3.15 8.98 21.15
C LEU A 103 2.76 9.92 22.30
N GLU A 104 3.73 10.71 22.75
CA GLU A 104 3.49 11.74 23.78
C GLU A 104 3.41 13.07 23.06
N ARG A 105 2.68 14.01 23.63
CA ARG A 105 2.62 15.35 23.03
C ARG A 105 3.66 16.28 23.61
N THR A 106 4.18 17.14 22.75
CA THR A 106 4.88 18.34 23.20
C THR A 106 3.87 19.45 23.06
N GLU A 107 4.31 20.70 23.23
CA GLU A 107 3.38 21.82 23.16
C GLU A 107 2.63 21.82 21.85
N LYS A 108 3.34 21.61 20.74
CA LYS A 108 2.69 21.64 19.44
C LYS A 108 2.87 20.35 18.66
N ASN A 109 3.79 19.50 19.11
CA ASN A 109 4.14 18.30 18.32
C ASN A 109 4.10 16.98 19.11
N PHE A 110 4.85 15.98 18.67
CA PHE A 110 4.82 14.64 19.28
C PHE A 110 6.23 14.11 19.50
N LYS A 111 6.37 13.12 20.39
CA LYS A 111 7.67 12.55 20.69
C LYS A 111 7.59 11.13 21.19
N ILE A 112 8.66 10.39 20.94
CA ILE A 112 8.95 9.15 21.66
C ILE A 112 10.23 9.43 22.44
N ASP A 113 10.10 9.54 23.76
CA ASP A 113 11.28 9.77 24.61
C ASP A 113 11.61 8.50 25.39
N GLU A 114 12.49 8.63 26.37
CA GLU A 114 12.97 7.47 27.12
C GLU A 114 11.86 6.76 27.89
N SER A 115 10.83 7.49 28.30
CA SER A 115 9.75 6.87 29.05
CA SER A 115 9.73 6.89 29.04
C SER A 115 8.80 6.08 28.15
N VAL A 116 8.72 6.41 26.87
CA VAL A 116 7.82 5.69 25.96
C VAL A 116 8.54 4.53 25.27
N TYR A 117 9.81 4.74 24.94
CA TYR A 117 10.55 3.76 24.15
C TYR A 117 10.39 2.33 24.67
N PRO A 118 10.45 2.11 26.00
CA PRO A 118 10.37 0.74 26.51
C PRO A 118 9.03 0.06 26.25
N LEU A 119 8.00 0.85 25.93
CA LEU A 119 6.65 0.34 25.70
C LEU A 119 6.45 -0.18 24.28
N GLY A 120 7.38 0.15 23.38
CA GLY A 120 7.23 -0.22 21.97
C GLY A 120 7.28 -1.73 21.79
N LEU A 121 6.69 -2.18 20.68
CA LEU A 121 6.51 -3.61 20.40
C LEU A 121 7.58 -4.18 19.48
N GLU A 122 7.95 -5.43 19.69
CA GLU A 122 8.70 -6.18 18.69
C GLU A 122 7.77 -6.55 17.54
N ILE A 123 8.33 -6.73 16.36
CA ILE A 123 7.48 -7.03 15.22
C ILE A 123 6.59 -8.25 15.47
N ALA A 124 7.10 -9.22 16.23
CA ALA A 124 6.35 -10.44 16.50
C ALA A 124 5.03 -10.15 17.21
N GLU A 125 5.03 -9.14 18.08
CA GLU A 125 3.82 -8.80 18.83
C GLU A 125 2.84 -8.07 17.95
N VAL A 126 3.33 -7.25 17.02
CA VAL A 126 2.44 -6.53 16.13
C VAL A 126 1.58 -7.53 15.37
N ALA A 127 2.19 -8.63 14.94
CA ALA A 127 1.47 -9.68 14.22
C ALA A 127 0.35 -10.25 15.08
N GLY B 8 5.69 9.76 -12.53
CA GLY B 8 5.27 8.98 -13.68
C GLY B 8 5.09 7.52 -13.34
N THR B 9 4.54 6.73 -14.26
CA THR B 9 4.04 7.24 -15.54
C THR B 9 2.90 8.22 -15.31
N ARG B 10 2.55 8.99 -16.33
CA ARG B 10 1.44 9.91 -16.19
C ARG B 10 0.15 9.11 -16.09
N PHE B 11 0.20 7.84 -16.48
CA PHE B 11 -0.98 6.98 -16.44
C PHE B 11 -1.31 6.61 -15.02
N GLU B 12 -0.31 6.18 -14.26
CA GLU B 12 -0.50 5.82 -12.86
C GLU B 12 -0.97 7.02 -12.08
N ARG B 13 -0.38 8.18 -12.37
CA ARG B 13 -0.73 9.42 -11.71
C ARG B 13 -2.22 9.73 -11.87
N ASP B 14 -2.70 9.65 -13.11
CA ASP B 14 -4.09 9.97 -13.44
C ASP B 14 -5.05 9.00 -12.75
N LEU B 15 -4.65 7.73 -12.67
CA LEU B 15 -5.44 6.72 -11.98
C LEU B 15 -5.43 6.97 -10.46
N LEU B 16 -4.31 7.43 -9.92
CA LEU B 16 -4.25 7.74 -8.49
C LEU B 16 -5.24 8.87 -8.19
N VAL B 17 -5.33 9.86 -9.08
CA VAL B 17 -6.29 10.97 -8.86
C VAL B 17 -7.73 10.48 -8.89
N GLU B 18 -8.06 9.62 -9.86
CA GLU B 18 -9.41 9.04 -9.94
C GLU B 18 -9.72 8.19 -8.70
N LEU B 19 -8.75 7.44 -8.20
CA LEU B 19 -8.98 6.62 -7.01
C LEU B 19 -9.24 7.51 -5.79
N TRP B 20 -8.48 8.60 -5.69
CA TRP B 20 -8.67 9.54 -4.59
C TRP B 20 -10.07 10.18 -4.67
N LYS B 21 -10.49 10.57 -5.87
CA LYS B 21 -11.82 11.17 -6.03
C LYS B 21 -12.91 10.17 -5.68
N ALA B 22 -12.65 8.88 -5.84
CA ALA B 22 -13.66 7.87 -5.57
C ALA B 22 -13.62 7.39 -4.11
N GLY B 23 -12.83 8.04 -3.27
CA GLY B 23 -12.88 7.74 -1.85
C GLY B 23 -11.80 6.74 -1.36
N PHE B 24 -10.81 6.45 -2.18
CA PHE B 24 -9.71 5.53 -1.77
C PHE B 24 -8.51 6.30 -1.30
N ALA B 25 -7.82 5.73 -0.30
CA ALA B 25 -6.45 6.09 0.02
C ALA B 25 -5.59 5.13 -0.77
N ALA B 26 -4.93 5.65 -1.81
CA ALA B 26 -4.19 4.80 -2.76
C ALA B 26 -2.73 5.22 -2.80
N ILE B 27 -1.85 4.26 -3.08
CA ILE B 27 -0.44 4.57 -3.17
C ILE B 27 0.21 3.78 -4.31
N ARG B 28 1.12 4.44 -5.00
CA ARG B 28 2.00 3.80 -5.98
C ARG B 28 3.11 3.06 -5.23
N VAL B 29 3.42 1.85 -5.66
CA VAL B 29 4.43 1.01 -5.00
C VAL B 29 5.81 1.33 -5.57
N ALA B 30 6.79 1.53 -4.70
CA ALA B 30 8.13 1.88 -5.15
C ALA B 30 8.92 0.60 -5.45
N GLY B 31 9.98 0.75 -6.24
CA GLY B 31 10.82 -0.38 -6.61
C GLY B 31 9.97 -1.56 -7.01
N SER B 32 8.94 -1.27 -7.80
CA SER B 32 7.93 -2.26 -8.17
C SER B 32 8.39 -3.15 -9.33
N GLY B 33 9.69 -3.16 -9.58
CA GLY B 33 10.27 -4.03 -10.60
C GLY B 33 11.57 -4.66 -10.13
N VAL B 34 12.25 -3.98 -9.21
CA VAL B 34 13.58 -4.39 -8.78
C VAL B 34 13.53 -5.38 -7.61
N SER B 35 12.35 -5.87 -7.28
CA SER B 35 12.18 -6.75 -6.13
C SER B 35 11.98 -8.21 -6.56
N PRO B 36 12.56 -9.16 -5.80
CA PRO B 36 12.39 -10.58 -6.09
C PRO B 36 11.00 -11.07 -5.72
N PHE B 37 10.31 -10.30 -4.86
CA PHE B 37 8.96 -10.69 -4.40
C PHE B 37 7.83 -10.07 -5.20
N PRO B 38 6.67 -10.73 -5.19
CA PRO B 38 5.52 -10.22 -5.95
C PRO B 38 5.12 -8.86 -5.42
N CYS B 39 4.82 -7.90 -6.30
CA CYS B 39 4.27 -6.63 -5.83
C CYS B 39 3.57 -5.89 -6.97
N PRO B 40 2.40 -5.32 -6.64
CA PRO B 40 1.51 -4.69 -7.61
C PRO B 40 1.98 -3.29 -7.95
N ASP B 41 1.28 -2.63 -8.87
CA ASP B 41 1.61 -1.24 -9.19
C ASP B 41 1.02 -0.29 -8.16
N ILE B 42 -0.22 -0.56 -7.75
CA ILE B 42 -0.91 0.31 -6.79
C ILE B 42 -1.60 -0.55 -5.74
N VAL B 43 -1.64 -0.05 -4.51
CA VAL B 43 -2.41 -0.70 -3.49
C VAL B 43 -3.35 0.37 -2.95
N ALA B 44 -4.61 0.02 -2.71
CA ALA B 44 -5.61 1.02 -2.28
C ALA B 44 -6.57 0.48 -1.23
N GLY B 45 -7.10 1.34 -0.35
CA GLY B 45 -8.10 0.90 0.58
C GLY B 45 -9.08 2.03 0.79
N ASN B 46 -10.30 1.72 1.21
CA ASN B 46 -11.25 2.83 1.53
C ASN B 46 -11.83 2.70 2.93
N GLY B 47 -11.24 1.81 3.71
CA GLY B 47 -11.70 1.54 5.07
C GLY B 47 -12.38 0.20 5.18
N ARG B 48 -12.94 -0.29 4.08
CA ARG B 48 -13.62 -1.60 4.06
C ARG B 48 -13.14 -2.53 2.93
N THR B 49 -12.79 -1.96 1.79
CA THR B 49 -12.30 -2.68 0.63
C THR B 49 -10.81 -2.46 0.43
N TYR B 50 -10.06 -3.52 0.10
CA TYR B 50 -8.64 -3.40 -0.21
C TYR B 50 -8.36 -3.92 -1.63
N LEU B 51 -7.61 -3.14 -2.41
CA LEU B 51 -7.29 -3.47 -3.82
C LEU B 51 -5.78 -3.59 -4.06
N ALA B 52 -5.39 -4.63 -4.78
CA ALA B 52 -4.04 -4.74 -5.33
C ALA B 52 -4.20 -4.66 -6.83
N ILE B 53 -3.54 -3.67 -7.45
CA ILE B 53 -3.85 -3.34 -8.86
C ILE B 53 -2.60 -3.37 -9.74
N GLU B 54 -2.70 -4.10 -10.85
CA GLU B 54 -1.72 -4.00 -11.93
C GLU B 54 -2.29 -2.98 -12.93
N VAL B 55 -1.49 -1.99 -13.29
CA VAL B 55 -1.96 -0.85 -14.09
C VAL B 55 -1.41 -0.91 -15.52
N LYS B 56 -2.29 -0.77 -16.52
CA LYS B 56 -1.90 -0.94 -17.91
C LYS B 56 -2.56 0.13 -18.77
N MET B 57 -1.84 0.64 -19.77
CA MET B 57 -2.40 1.56 -20.75
C MET B 57 -2.06 1.02 -22.12
N ARG B 58 -3.04 0.93 -23.01
CA ARG B 58 -2.82 0.41 -24.37
C ARG B 58 -3.53 1.28 -25.39
N LYS B 59 -2.97 1.34 -26.60
CA LYS B 59 -3.59 2.08 -27.71
C LYS B 59 -4.90 1.42 -28.15
N GLU B 60 -4.93 0.10 -28.14
CA GLU B 60 -6.15 -0.64 -28.45
C GLU B 60 -6.07 -2.07 -27.89
N LEU B 61 -7.18 -2.78 -27.87
CA LEU B 61 -7.22 -4.18 -27.46
C LEU B 61 -6.53 -5.08 -28.48
N PRO B 62 -6.04 -6.26 -28.05
CA PRO B 62 -6.09 -6.77 -26.69
C PRO B 62 -4.94 -6.31 -25.81
N LEU B 63 -5.15 -6.36 -24.50
CA LEU B 63 -4.11 -6.30 -23.51
C LEU B 63 -3.68 -7.74 -23.25
N TYR B 64 -2.40 -8.05 -23.47
CA TYR B 64 -1.86 -9.34 -23.04
C TYR B 64 -1.23 -9.20 -21.65
N LEU B 65 -1.39 -10.22 -20.83
CA LEU B 65 -0.81 -10.29 -19.49
C LEU B 65 -0.15 -11.66 -19.28
N SER B 66 1.10 -11.65 -18.87
CA SER B 66 1.80 -12.91 -18.68
C SER B 66 1.25 -13.69 -17.50
N ALA B 67 1.33 -15.00 -17.62
CA ALA B 67 1.07 -15.92 -16.52
C ALA B 67 1.80 -15.49 -15.24
N ASP B 68 3.07 -15.10 -15.36
CA ASP B 68 3.86 -14.74 -14.18
C ASP B 68 3.31 -13.48 -13.53
N GLU B 69 2.91 -12.51 -14.35
CA GLU B 69 2.43 -11.24 -13.79
C GLU B 69 1.12 -11.45 -13.03
N VAL B 70 0.23 -12.27 -13.57
CA VAL B 70 -1.05 -12.58 -12.92
C VAL B 70 -0.88 -13.43 -11.65
N GLU B 71 -0.01 -14.44 -11.71
CA GLU B 71 0.29 -15.30 -10.56
C GLU B 71 0.87 -14.47 -9.42
N GLN B 72 1.79 -13.58 -9.75
CA GLN B 72 2.39 -12.72 -8.72
C GLN B 72 1.35 -11.78 -8.12
N LEU B 73 0.44 -11.27 -8.95
CA LEU B 73 -0.58 -10.35 -8.47
C LEU B 73 -1.50 -11.09 -7.49
N VAL B 74 -1.91 -12.30 -7.85
CA VAL B 74 -2.75 -13.12 -6.98
C VAL B 74 -2.05 -13.51 -5.66
N THR B 75 -0.78 -13.86 -5.76
CA THR B 75 0.00 -14.27 -4.60
C THR B 75 0.09 -13.07 -3.65
N PHE B 76 0.37 -11.91 -4.21
CA PHE B 76 0.48 -10.71 -3.35
C PHE B 76 -0.84 -10.42 -2.69
N ALA B 77 -1.90 -10.39 -3.50
CA ALA B 77 -3.20 -10.04 -2.98
C ALA B 77 -3.62 -11.02 -1.89
N ARG B 78 -3.35 -12.31 -2.07
CA ARG B 78 -3.66 -13.28 -1.02
C ARG B 78 -2.88 -13.05 0.29
N GLY B 79 -1.61 -12.68 0.19
CA GLY B 79 -0.75 -12.55 1.38
C GLY B 79 -1.13 -11.27 2.10
N PHE B 80 -1.43 -10.24 1.34
CA PHE B 80 -1.74 -8.91 1.90
C PHE B 80 -3.15 -8.88 2.47
N GLY B 81 -4.10 -9.55 1.80
CA GLY B 81 -5.50 -9.41 2.15
C GLY B 81 -6.22 -8.36 1.33
N ALA B 82 -6.09 -8.46 0.01
CA ALA B 82 -6.68 -7.52 -0.90
C ALA B 82 -7.32 -8.29 -2.05
N GLU B 83 -8.13 -7.58 -2.84
CA GLU B 83 -8.71 -8.14 -4.06
C GLU B 83 -7.82 -7.73 -5.23
N ALA B 84 -7.48 -8.69 -6.08
CA ALA B 84 -6.60 -8.43 -7.22
C ALA B 84 -7.37 -7.93 -8.42
N TYR B 85 -6.91 -6.84 -9.02
CA TYR B 85 -7.55 -6.20 -10.15
C TYR B 85 -6.54 -5.82 -11.20
N VAL B 86 -6.94 -5.86 -12.47
CA VAL B 86 -6.18 -5.21 -13.51
C VAL B 86 -6.91 -3.91 -13.88
N ALA B 87 -6.20 -2.77 -13.89
CA ALA B 87 -6.78 -1.50 -14.36
C ALA B 87 -6.24 -1.18 -15.76
N LEU B 88 -7.15 -0.98 -16.72
CA LEU B 88 -6.78 -0.77 -18.12
C LEU B 88 -7.39 0.53 -18.66
N LYS B 89 -6.52 1.36 -19.23
CA LYS B 89 -6.91 2.60 -19.86
C LYS B 89 -6.72 2.48 -21.39
N LEU B 90 -7.80 2.67 -22.12
CA LEU B 90 -7.72 2.78 -23.57
C LEU B 90 -8.02 4.24 -23.93
N PRO B 91 -7.50 4.70 -25.09
CA PRO B 91 -7.73 6.11 -25.47
C PRO B 91 -9.22 6.45 -25.53
N ARG B 92 -9.61 7.57 -24.93
CA ARG B 92 -10.99 8.02 -25.02
C ARG B 92 -11.97 7.06 -24.33
N LYS B 93 -11.48 6.27 -23.38
CA LYS B 93 -12.32 5.46 -22.51
C LYS B 93 -11.84 5.71 -21.07
N LYS B 94 -12.76 5.76 -20.11
CA LYS B 94 -12.37 5.87 -18.70
C LYS B 94 -11.70 4.59 -18.24
N TRP B 95 -10.95 4.68 -17.14
CA TRP B 95 -10.33 3.50 -16.56
C TRP B 95 -11.38 2.45 -16.31
N ARG B 96 -11.03 1.20 -16.57
CA ARG B 96 -11.91 0.06 -16.31
C ARG B 96 -11.12 -0.99 -15.54
N PHE B 97 -11.83 -1.63 -14.61
CA PHE B 97 -11.22 -2.52 -13.64
C PHE B 97 -11.72 -3.94 -13.88
N PHE B 98 -10.79 -4.89 -13.90
CA PHE B 98 -11.11 -6.30 -14.10
C PHE B 98 -10.60 -7.17 -12.95
N PRO B 99 -11.50 -7.81 -12.20
CA PRO B 99 -11.02 -8.78 -11.20
C PRO B 99 -10.26 -9.88 -11.94
N VAL B 100 -9.20 -10.45 -11.35
CA VAL B 100 -8.38 -11.42 -12.07
C VAL B 100 -9.23 -12.60 -12.58
N GLN B 101 -10.30 -12.95 -11.87
CA GLN B 101 -11.13 -14.08 -12.30
C GLN B 101 -11.78 -13.86 -13.67
N MET B 102 -11.85 -12.60 -14.09
CA MET B 102 -12.55 -12.19 -15.31
C MET B 102 -11.65 -12.30 -16.55
N LEU B 103 -10.35 -12.46 -16.36
CA LEU B 103 -9.42 -12.40 -17.49
C LEU B 103 -9.70 -13.56 -18.44
N GLU B 104 -9.54 -13.30 -19.74
CA GLU B 104 -9.57 -14.36 -20.76
C GLU B 104 -8.25 -15.12 -20.77
N ARG B 105 -8.27 -16.37 -21.21
CA ARG B 105 -7.06 -17.17 -21.31
C ARG B 105 -6.59 -17.31 -22.75
N THR B 106 -5.28 -17.20 -22.96
CA THR B 106 -4.66 -17.64 -24.21
C THR B 106 -4.01 -18.99 -23.90
N GLU B 107 -3.25 -19.55 -24.84
CA GLU B 107 -2.64 -20.86 -24.59
C GLU B 107 -1.79 -20.91 -23.31
N LYS B 108 -0.91 -19.92 -23.13
CA LYS B 108 0.03 -19.97 -22.00
C LYS B 108 -0.18 -18.81 -21.03
N ASN B 109 -0.93 -17.81 -21.44
CA ASN B 109 -1.05 -16.59 -20.65
C ASN B 109 -2.49 -16.07 -20.56
N PHE B 110 -2.65 -14.75 -20.43
CA PHE B 110 -3.96 -14.15 -20.16
C PHE B 110 -4.15 -12.94 -21.06
N LYS B 111 -5.40 -12.49 -21.19
CA LYS B 111 -5.65 -11.30 -22.00
C LYS B 111 -6.99 -10.65 -21.66
N ILE B 112 -7.10 -9.38 -21.99
CA ILE B 112 -8.37 -8.70 -22.01
C ILE B 112 -8.64 -8.29 -23.44
N ASP B 113 -9.67 -8.86 -24.05
CA ASP B 113 -9.90 -8.63 -25.47
C ASP B 113 -11.36 -8.17 -25.62
N GLU B 114 -11.84 -8.15 -26.86
CA GLU B 114 -13.15 -7.59 -27.17
C GLU B 114 -14.30 -8.25 -26.38
N SER B 115 -14.20 -9.55 -26.10
CA SER B 115 -15.31 -10.23 -25.41
C SER B 115 -15.43 -9.82 -23.93
N VAL B 116 -14.31 -9.51 -23.30
CA VAL B 116 -14.31 -9.23 -21.86
C VAL B 116 -14.31 -7.75 -21.52
N TYR B 117 -13.71 -6.92 -22.38
CA TYR B 117 -13.60 -5.49 -22.09
C TYR B 117 -14.94 -4.87 -21.60
N PRO B 118 -16.07 -5.18 -22.28
CA PRO B 118 -17.38 -4.63 -21.85
C PRO B 118 -17.85 -5.03 -20.44
N LEU B 119 -17.29 -6.08 -19.85
CA LEU B 119 -17.68 -6.53 -18.52
C LEU B 119 -16.90 -5.82 -17.39
N GLY B 120 -15.91 -5.03 -17.75
CA GLY B 120 -15.06 -4.39 -16.76
C GLY B 120 -15.84 -3.37 -15.95
N LEU B 121 -15.35 -3.07 -14.76
CA LEU B 121 -16.07 -2.17 -13.85
C LEU B 121 -15.54 -0.75 -13.94
N GLU B 122 -16.43 0.23 -13.77
CA GLU B 122 -16.02 1.61 -13.69
C GLU B 122 -15.62 1.87 -12.23
N ILE B 123 -14.90 2.95 -12.01
CA ILE B 123 -14.35 3.17 -10.67
C ILE B 123 -15.46 3.29 -9.61
N ALA B 124 -16.62 3.84 -10.01
CA ALA B 124 -17.75 4.01 -9.11
C ALA B 124 -18.28 2.68 -8.61
N GLU B 125 -18.29 1.64 -9.46
CA GLU B 125 -18.74 0.32 -9.02
C GLU B 125 -17.74 -0.33 -8.06
N VAL B 126 -16.46 -0.10 -8.30
CA VAL B 126 -15.43 -0.62 -7.38
C VAL B 126 -15.62 0.09 -6.01
N ALA B 127 -15.71 1.42 -6.02
CA ALA B 127 -15.94 2.20 -4.80
C ALA B 127 -17.20 1.72 -4.06
N GLY B 128 -18.22 1.37 -4.83
CA GLY B 128 -19.48 0.91 -4.27
C GLY B 128 -19.40 -0.37 -3.43
N LYS B 129 -18.30 -1.11 -3.59
CA LYS B 129 -18.03 -2.30 -2.75
C LYS B 129 -17.94 -1.93 -1.28
N PHE B 130 -17.72 -0.65 -0.99
CA PHE B 130 -17.66 -0.17 0.40
C PHE B 130 -18.87 -0.65 1.18
N PHE B 131 -20.05 -0.66 0.56
CA PHE B 131 -21.29 -0.92 1.30
C PHE B 131 -21.70 -2.40 1.38
N GLN B 132 -20.91 -3.27 0.76
CA GLN B 132 -21.10 -4.70 0.92
C GLN B 132 -20.72 -5.15 2.32
N GLU B 133 -21.47 -6.11 2.86
CA GLU B 133 -21.13 -6.69 4.16
C GLU B 133 -20.00 -7.70 4.00
#